data_8SJS
#
_entry.id   8SJS
#
_cell.length_a   194.203
_cell.length_b   194.203
_cell.length_c   55.434
_cell.angle_alpha   90.000
_cell.angle_beta   90.000
_cell.angle_gamma   120.000
#
_symmetry.space_group_name_H-M   'P 63'
#
loop_
_entity.id
_entity.type
_entity.pdbx_description
1 polymer "DNA (5'-D(*CP*AP*GP*AP*GP*CP*CP*TP*GP*AP*CP*AP*TP*AP*CP*CP*GP*CP*A)-3')"
2 polymer "DNA (5'-D(P*TP*GP*CP*GP*GP*TP*AP*TP*GP*TP*CP*AP*CP*CP*AP*CP*GP*A)-3')"
3 polymer "DNA (5'-D(*TP*GP*CP*GP*CP*TP*GP*TP*GP*GP*CP*TP*C)-3')"
4 polymer "DNA (5'-D(P*TP*CP*GP*TP*GP*GP*AP*CP*AP*GP*CP*G)-3')"
#
loop_
_entity_poly.entity_id
_entity_poly.type
_entity_poly.pdbx_seq_one_letter_code
_entity_poly.pdbx_strand_id
1 'polydeoxyribonucleotide' (DC)(DA)(DG)(DA)(DG)(DC)(DC)(DT)(DG)(DA)(DC)(DA)(DT)(DA)(DC)(DC)(DG)(DC)(DA) A
2 'polydeoxyribonucleotide' (DT)(DG)(DC)(DG)(DG)(DT)(DA)(DT)(DG)(DT)(DC)(DA)(DC)(DC)(DA)(DC)(DG)(DA) B
3 'polydeoxyribonucleotide' (DT)(DG)(DC)(DG)(DC)(DT)(DG)(DT)(DG)(DG)(DC)(DT)(DC) C
4 'polydeoxyribonucleotide' (DT)(DC)(DG)(DT)(DG)(DG)(DA)(DC)(DA)(DG)(DC)(DG) D
#